data_7OM8
#
_entry.id   7OM8
#
_cell.length_a   1.00
_cell.length_b   1.00
_cell.length_c   1.00
_cell.angle_alpha   90.00
_cell.angle_beta   90.00
_cell.angle_gamma   90.00
#
_symmetry.space_group_name_H-M   'P 1'
#
loop_
_entity.id
_entity.type
_entity.pdbx_description
1 polymer 'Clathrin heavy chain'
2 polymer 'AP-2 complex subunit beta'
#
loop_
_entity_poly.entity_id
_entity_poly.type
_entity_poly.pdbx_seq_one_letter_code
_entity_poly.pdbx_strand_id
1 'polypeptide(L)'
;MAQILPIRFQEHLQLQNLGINPANIGFSTLTMESDKFICIREKVGEQAQVVIIDMNDPSNPIRRPISADSAIMNPASKVI
ALKAGKTLQIFNIEMKSKMKAHTMTDDVTFWKWISLNTVALVTDNAVYHWSMEGESQPVKMFDRHSSLAGCQIINYRTDA
KQKWLLLTGISAQQNRVVGAMQLYSVDRKVSQPIEGHAASFAQFKMEGNAEESTLFCFAVRGQAGGKLHIIEVGTPPTGN
QPFPKKAVDVFFPPEAQNDFPVAMQISEKHDVVFLITKYGYIHLYDLETGTCIYMNRIS
;
Y,Z
2 'polypeptide(L)'
;GGYVAPKAVWLPAVKAKGLEISGTFTHRQGHIYMEMNFTNKALQHMTDFAIQFNKNSFGVIPSTPLAIHTPLMPNQSIDV
SLPLNTLGPVMKMEPLNNLQVAVKNNIDVFYFSCLIPLNVLFVEDGKMERQVFLATWKDIPNENELQFQIKECHLNADTV
SSKLQNNNVYTIAKRNVEGQDMLYQSLKLTNGIWILAELRIQPGNPNYTLSLKCRAPEVSQYIYQVYDSILKN
;
B
#
# COMPACT_ATOMS: atom_id res chain seq x y z
N ASP A 143 18.87 21.06 -13.95
CA ASP A 143 19.66 21.60 -15.07
C ASP A 143 19.16 21.09 -16.42
N ARG A 144 19.40 21.82 -17.50
CA ARG A 144 18.96 21.46 -18.85
C ARG A 144 19.80 20.34 -19.45
N HIS A 145 19.20 19.23 -19.86
CA HIS A 145 19.95 18.12 -20.41
C HIS A 145 20.37 18.44 -21.82
N SER A 146 21.62 18.17 -22.14
CA SER A 146 22.27 18.54 -23.40
C SER A 146 21.62 18.12 -24.71
N SER A 147 20.70 17.15 -24.73
CA SER A 147 20.02 16.83 -26.01
C SER A 147 19.12 17.97 -26.44
N LEU A 148 18.83 18.87 -25.49
CA LEU A 148 18.09 20.06 -25.73
C LEU A 148 18.96 21.20 -26.24
N ALA A 149 20.17 21.47 -25.74
CA ALA A 149 21.08 22.50 -26.30
C ALA A 149 20.72 23.08 -27.68
N GLY A 150 20.36 24.36 -27.71
CA GLY A 150 20.10 25.16 -28.92
C GLY A 150 18.70 25.08 -29.44
N CYS A 151 17.92 24.29 -28.76
CA CYS A 151 16.59 24.02 -29.13
C CYS A 151 15.60 25.12 -28.75
N GLN A 152 14.62 25.29 -29.62
CA GLN A 152 13.47 26.13 -29.43
C GLN A 152 12.64 25.60 -28.29
N ILE A 153 12.78 26.08 -27.08
CA ILE A 153 11.88 25.62 -26.03
C ILE A 153 10.44 26.01 -26.42
N ILE A 154 9.55 25.00 -26.39
CA ILE A 154 8.14 25.15 -26.81
C ILE A 154 7.15 24.71 -25.73
N ASN A 155 7.55 24.00 -24.68
CA ASN A 155 6.63 23.68 -23.60
C ASN A 155 7.34 23.13 -22.38
N TYR A 156 6.66 23.30 -21.25
CA TYR A 156 7.06 22.73 -20.00
C TYR A 156 5.87 22.18 -19.21
N ARG A 157 5.91 20.91 -18.82
CA ARG A 157 4.78 20.17 -18.25
C ARG A 157 5.15 19.30 -17.09
N THR A 158 4.34 19.23 -16.09
CA THR A 158 4.56 18.29 -15.00
C THR A 158 3.42 17.32 -14.87
N ASP A 159 3.63 16.34 -14.01
CA ASP A 159 2.52 15.53 -13.54
C ASP A 159 1.79 16.23 -12.39
N ALA A 160 0.62 15.73 -11.97
CA ALA A 160 -0.20 16.39 -10.93
C ALA A 160 0.52 16.61 -9.61
N LYS A 161 1.37 15.65 -9.23
CA LYS A 161 2.21 15.78 -8.04
C LYS A 161 3.44 16.67 -8.22
N GLN A 162 3.71 17.16 -9.43
CA GLN A 162 4.97 17.84 -9.70
C GLN A 162 6.21 16.97 -9.44
N LYS A 163 6.05 15.63 -9.50
CA LYS A 163 7.09 14.61 -9.20
C LYS A 163 7.82 14.06 -10.43
N TRP A 164 7.40 14.56 -11.56
CA TRP A 164 8.00 14.36 -12.86
C TRP A 164 7.88 15.71 -13.52
N LEU A 165 8.87 16.10 -14.32
CA LEU A 165 8.83 17.34 -15.09
C LEU A 165 9.24 17.05 -16.55
N LEU A 166 8.57 17.63 -17.52
CA LEU A 166 8.86 17.54 -18.94
C LEU A 166 9.21 18.89 -19.52
N LEU A 167 10.38 18.94 -20.12
CA LEU A 167 10.82 20.08 -20.90
C LEU A 167 10.83 19.67 -22.38
N THR A 168 10.36 20.52 -23.30
CA THR A 168 10.39 20.24 -24.74
C THR A 168 10.89 21.41 -25.53
N GLY A 169 11.44 21.04 -26.65
CA GLY A 169 11.98 21.98 -27.55
C GLY A 169 12.21 21.30 -28.87
N ILE A 170 12.14 22.09 -29.92
CA ILE A 170 12.40 21.59 -31.24
C ILE A 170 13.56 22.26 -31.99
N SER A 171 14.15 21.47 -32.89
CA SER A 171 15.22 21.82 -33.81
C SER A 171 14.83 21.63 -35.26
N ALA A 172 15.45 22.38 -36.16
CA ALA A 172 15.31 22.18 -37.60
C ALA A 172 16.35 21.23 -38.22
N GLN A 173 16.86 20.30 -37.41
CA GLN A 173 17.81 19.26 -37.81
C GLN A 173 17.57 18.68 -39.22
N GLN A 174 18.56 18.87 -40.09
CA GLN A 174 18.60 18.42 -41.48
C GLN A 174 17.25 18.43 -42.19
N ASN A 175 16.55 19.55 -42.22
CA ASN A 175 15.29 19.71 -42.96
C ASN A 175 14.03 19.11 -42.30
N ARG A 176 14.10 18.58 -41.07
CA ARG A 176 12.92 18.26 -40.26
C ARG A 176 12.98 18.84 -38.85
N VAL A 177 11.79 19.12 -38.32
CA VAL A 177 11.43 19.73 -37.02
C VAL A 177 11.72 18.88 -35.82
N VAL A 178 12.85 18.24 -35.74
CA VAL A 178 13.07 17.29 -34.65
C VAL A 178 12.84 17.85 -33.22
N GLY A 179 11.97 17.19 -32.44
CA GLY A 179 11.66 17.54 -31.06
C GLY A 179 12.36 16.71 -30.04
N ALA A 180 12.93 17.41 -29.09
CA ALA A 180 13.60 16.87 -27.92
C ALA A 180 12.85 17.18 -26.65
N MET A 181 12.81 16.16 -25.80
CA MET A 181 12.13 16.22 -24.53
C MET A 181 13.08 15.77 -23.45
N GLN A 182 13.00 16.43 -22.31
CA GLN A 182 13.65 16.01 -21.08
C GLN A 182 12.60 15.66 -20.09
N LEU A 183 12.64 14.42 -19.63
CA LEU A 183 11.80 13.88 -18.58
C LEU A 183 12.63 13.84 -17.29
N TYR A 184 12.42 14.75 -16.35
CA TYR A 184 13.20 14.77 -15.09
C TYR A 184 12.40 14.06 -14.01
N SER A 185 13.07 13.22 -13.25
CA SER A 185 12.52 12.63 -12.04
C SER A 185 12.98 13.46 -10.87
N VAL A 186 12.01 13.90 -10.06
CA VAL A 186 12.35 14.80 -8.97
C VAL A 186 12.60 14.07 -7.67
N ASP A 187 11.85 13.00 -7.37
CA ASP A 187 12.16 12.16 -6.21
C ASP A 187 13.38 11.24 -6.49
N ARG A 188 13.53 10.67 -7.69
CA ARG A 188 14.75 9.90 -8.04
C ARG A 188 15.98 10.76 -8.26
N LYS A 189 15.80 12.03 -8.61
CA LYS A 189 16.86 12.95 -9.06
C LYS A 189 17.58 12.49 -10.34
N VAL A 190 16.88 11.80 -11.24
CA VAL A 190 17.44 11.32 -12.50
C VAL A 190 16.60 11.74 -13.67
N SER A 191 17.28 12.07 -14.76
CA SER A 191 16.64 12.59 -15.95
C SER A 191 16.99 11.86 -17.23
N GLN A 192 16.02 11.76 -18.12
CA GLN A 192 16.22 11.13 -19.43
C GLN A 192 15.74 11.99 -20.63
N PRO A 193 16.27 11.73 -21.86
CA PRO A 193 15.82 12.35 -23.15
C PRO A 193 14.78 11.55 -24.07
N ILE A 194 13.74 12.19 -24.75
CA ILE A 194 12.55 11.66 -25.63
C ILE A 194 11.75 12.69 -26.77
N GLU A 195 10.45 12.58 -27.45
CA GLU A 195 9.64 13.23 -28.71
C GLU A 195 8.02 13.45 -28.87
N GLY A 196 7.25 14.55 -28.87
CA GLY A 196 7.31 15.75 -29.69
C GLY A 196 5.99 16.56 -29.57
N HIS A 197 5.59 17.29 -30.60
CA HIS A 197 5.76 18.74 -30.53
C HIS A 197 4.50 19.43 -30.25
N ALA A 198 3.51 19.05 -31.04
CA ALA A 198 2.20 19.50 -30.76
C ALA A 198 1.35 18.34 -30.39
N ALA A 199 1.04 18.37 -29.10
CA ALA A 199 0.22 17.40 -28.49
C ALA A 199 -0.37 17.87 -27.19
N SER A 200 -1.59 17.42 -26.98
CA SER A 200 -2.33 17.71 -25.79
C SER A 200 -3.14 16.53 -25.28
N PHE A 201 -3.55 16.56 -24.01
CA PHE A 201 -4.36 15.47 -23.45
C PHE A 201 -5.78 15.86 -23.18
N ALA A 202 -6.69 14.93 -23.38
CA ALA A 202 -8.07 15.21 -23.12
C ALA A 202 -8.64 14.27 -22.13
N GLN A 203 -9.88 14.56 -21.76
CA GLN A 203 -10.72 13.60 -21.12
C GLN A 203 -11.90 13.41 -22.09
N PHE A 204 -12.13 12.18 -22.59
CA PHE A 204 -13.33 11.83 -23.36
C PHE A 204 -14.04 10.58 -22.93
N LYS A 205 -15.30 10.79 -22.57
CA LYS A 205 -16.27 9.73 -22.40
C LYS A 205 -16.62 9.11 -23.74
N MET A 206 -16.14 7.91 -23.93
CA MET A 206 -16.54 7.09 -25.08
C MET A 206 -17.99 6.55 -24.95
N GLU A 207 -18.67 6.41 -26.09
CA GLU A 207 -20.14 6.28 -26.20
C GLU A 207 -20.88 5.44 -25.13
N GLY A 208 -20.51 4.16 -24.92
CA GLY A 208 -21.09 3.36 -23.85
C GLY A 208 -20.02 3.05 -22.83
N ASN A 209 -19.53 4.08 -22.15
CA ASN A 209 -18.78 3.93 -20.92
C ASN A 209 -19.19 5.01 -19.92
N ALA A 210 -18.95 4.71 -18.65
CA ALA A 210 -19.32 5.59 -17.55
C ALA A 210 -18.22 6.59 -17.18
N GLU A 211 -17.02 6.35 -17.69
CA GLU A 211 -15.83 7.04 -17.27
C GLU A 211 -15.01 7.60 -18.40
N GLU A 212 -14.51 8.79 -18.17
CA GLU A 212 -13.79 9.55 -19.15
C GLU A 212 -12.35 9.10 -19.44
N SER A 213 -12.18 8.33 -20.50
CA SER A 213 -10.86 7.98 -20.99
C SER A 213 -9.92 9.18 -21.25
N THR A 214 -8.73 9.13 -20.65
CA THR A 214 -7.60 10.07 -20.75
C THR A 214 -6.86 9.91 -22.09
N LEU A 215 -7.16 10.70 -23.12
CA LEU A 215 -6.47 10.56 -24.40
C LEU A 215 -5.26 11.47 -24.49
N PHE A 216 -4.22 11.02 -25.18
CA PHE A 216 -3.03 11.79 -25.53
C PHE A 216 -3.01 11.91 -27.02
N CYS A 217 -3.31 13.12 -27.48
CA CYS A 217 -3.28 13.44 -28.88
C CYS A 217 -2.03 14.21 -29.29
N PHE A 218 -1.26 13.72 -30.26
CA PHE A 218 -0.05 14.36 -30.75
C PHE A 218 0.12 14.24 -32.23
N ALA A 219 0.78 15.22 -32.84
CA ALA A 219 0.99 15.35 -34.25
C ALA A 219 2.45 15.64 -34.53
N VAL A 220 2.92 14.99 -35.59
CA VAL A 220 4.29 15.15 -36.07
C VAL A 220 4.36 15.00 -37.57
N ARG A 221 5.31 15.65 -38.22
CA ARG A 221 5.74 15.34 -39.59
C ARG A 221 7.14 14.76 -39.65
N GLY A 222 7.12 13.54 -40.10
CA GLY A 222 8.29 12.70 -40.13
C GLY A 222 8.68 12.45 -41.56
N GLN A 223 9.60 11.49 -41.76
CA GLN A 223 9.94 11.10 -43.13
C GLN A 223 8.72 10.51 -43.85
N ALA A 224 7.85 9.79 -43.13
CA ALA A 224 6.57 9.31 -43.65
C ALA A 224 5.54 10.41 -43.84
N GLY A 225 5.91 11.67 -43.58
CA GLY A 225 4.95 12.72 -43.55
C GLY A 225 4.08 12.73 -42.30
N GLY A 226 3.64 13.93 -41.99
CA GLY A 226 2.67 14.37 -41.00
C GLY A 226 1.55 13.40 -40.63
N LYS A 227 1.48 13.04 -39.36
CA LYS A 227 0.51 12.14 -38.77
C LYS A 227 0.11 12.65 -37.40
N LEU A 228 -1.18 12.63 -37.13
CA LEU A 228 -1.80 12.81 -35.84
C LEU A 228 -2.20 11.47 -35.26
N HIS A 229 -1.93 11.29 -33.98
CA HIS A 229 -2.22 10.08 -33.21
C HIS A 229 -3.08 10.51 -32.06
N ILE A 230 -4.21 9.85 -31.84
CA ILE A 230 -4.96 9.95 -30.57
C ILE A 230 -4.76 8.63 -29.89
N ILE A 231 -4.60 8.53 -28.58
CA ILE A 231 -4.42 7.23 -27.90
C ILE A 231 -5.02 7.34 -26.52
N GLU A 232 -5.43 6.20 -25.98
CA GLU A 232 -5.58 6.13 -24.54
C GLU A 232 -4.27 6.28 -23.80
N VAL A 233 -4.30 6.85 -22.63
CA VAL A 233 -3.18 6.78 -21.72
C VAL A 233 -3.53 6.14 -20.41
N GLY A 234 -2.82 5.06 -20.06
CA GLY A 234 -3.11 4.31 -18.87
C GLY A 234 -4.41 3.54 -18.91
N THR A 235 -4.42 2.51 -18.08
CA THR A 235 -5.58 1.67 -17.82
C THR A 235 -6.92 2.37 -17.78
N PRO A 236 -7.87 1.83 -18.54
CA PRO A 236 -9.22 2.26 -18.56
C PRO A 236 -9.75 2.13 -17.16
N PRO A 237 -10.60 3.06 -16.73
CA PRO A 237 -11.26 2.91 -15.48
C PRO A 237 -12.04 1.59 -15.56
N THR A 238 -12.40 0.98 -14.45
CA THR A 238 -12.54 -0.47 -14.40
C THR A 238 -13.50 -1.07 -15.44
N GLY A 239 -14.75 -0.65 -15.54
CA GLY A 239 -15.68 -1.26 -16.49
C GLY A 239 -15.57 -0.79 -17.94
N ASN A 240 -14.63 0.09 -18.20
CA ASN A 240 -14.52 0.77 -19.47
C ASN A 240 -13.93 -0.17 -20.50
N GLN A 241 -14.59 -0.07 -21.62
CA GLN A 241 -14.22 -0.63 -22.89
C GLN A 241 -13.11 0.35 -23.36
N PRO A 242 -11.92 -0.13 -23.72
CA PRO A 242 -10.79 0.73 -24.10
C PRO A 242 -11.05 1.54 -25.37
N PHE A 243 -10.47 2.73 -25.45
CA PHE A 243 -10.57 3.55 -26.66
C PHE A 243 -9.61 3.00 -27.71
N PRO A 244 -10.05 2.63 -28.90
CA PRO A 244 -9.10 2.26 -29.94
C PRO A 244 -8.10 3.34 -30.23
N LYS A 245 -6.81 3.02 -30.25
CA LYS A 245 -5.80 4.00 -30.68
C LYS A 245 -6.20 4.51 -32.07
N LYS A 246 -5.90 5.76 -32.43
CA LYS A 246 -6.13 6.32 -33.77
C LYS A 246 -4.86 6.87 -34.37
N ALA A 247 -4.74 6.72 -35.70
CA ALA A 247 -3.86 7.55 -36.51
C ALA A 247 -4.65 8.09 -37.70
N VAL A 248 -4.19 9.25 -38.14
CA VAL A 248 -4.58 9.96 -39.36
C VAL A 248 -3.38 10.74 -39.83
N ASP A 249 -3.24 10.90 -41.13
CA ASP A 249 -2.30 11.86 -41.69
C ASP A 249 -2.85 13.29 -41.64
N VAL A 250 -1.95 14.18 -41.26
CA VAL A 250 -2.09 15.63 -41.44
C VAL A 250 -1.40 16.04 -42.74
N PHE A 251 -2.17 16.70 -43.61
CA PHE A 251 -1.73 17.16 -44.92
C PHE A 251 -0.94 18.47 -44.91
N PHE A 252 0.20 18.46 -45.60
CA PHE A 252 0.92 19.69 -45.91
C PHE A 252 1.03 19.93 -47.41
N PRO A 253 0.34 20.95 -47.96
CA PRO A 253 0.45 21.34 -49.36
C PRO A 253 1.89 21.48 -49.87
N PRO A 254 2.15 21.41 -51.17
CA PRO A 254 3.48 21.68 -51.74
C PRO A 254 4.00 23.11 -51.51
N GLU A 255 3.06 24.07 -51.46
CA GLU A 255 3.40 25.42 -51.04
C GLU A 255 3.67 25.46 -49.52
N ALA A 256 3.49 24.36 -48.78
CA ALA A 256 3.74 24.17 -47.34
C ALA A 256 5.10 23.52 -47.10
N GLN A 257 6.04 23.89 -47.97
CA GLN A 257 7.24 23.17 -48.25
C GLN A 257 7.88 22.61 -46.98
N ASN A 258 8.38 23.44 -46.05
CA ASN A 258 8.86 22.88 -44.81
C ASN A 258 7.72 22.57 -43.86
N ASP A 259 6.91 23.53 -43.42
CA ASP A 259 5.79 23.42 -42.46
C ASP A 259 5.49 22.13 -41.72
N PHE A 260 5.31 22.32 -40.43
CA PHE A 260 5.07 21.24 -39.54
C PHE A 260 4.20 21.77 -38.40
N PRO A 261 3.59 20.87 -37.61
CA PRO A 261 2.91 21.18 -36.36
C PRO A 261 3.70 22.13 -35.47
N VAL A 262 2.99 22.79 -34.53
CA VAL A 262 3.49 23.88 -33.66
C VAL A 262 2.61 24.06 -32.43
N ALA A 263 1.32 23.92 -32.56
CA ALA A 263 0.44 24.01 -31.41
C ALA A 263 -0.77 23.12 -31.58
N MET A 264 -1.25 22.61 -30.45
CA MET A 264 -2.48 21.87 -30.35
C MET A 264 -3.21 22.28 -29.09
N GLN A 265 -4.53 22.22 -29.21
CA GLN A 265 -5.60 22.54 -28.29
C GLN A 265 -6.77 21.71 -28.73
N ILE A 266 -7.54 21.21 -27.79
CA ILE A 266 -8.72 20.43 -28.08
C ILE A 266 -9.90 21.07 -27.38
N SER A 267 -11.03 21.16 -28.05
CA SER A 267 -12.23 21.56 -27.35
C SER A 267 -12.77 20.34 -26.61
N GLU A 268 -12.96 20.44 -25.30
CA GLU A 268 -13.75 19.43 -24.55
C GLU A 268 -15.25 19.59 -24.85
N LYS A 269 -15.67 20.79 -25.22
CA LYS A 269 -17.08 21.10 -25.46
C LYS A 269 -17.60 20.43 -26.72
N HIS A 270 -16.77 20.45 -27.72
CA HIS A 270 -16.99 19.85 -29.01
C HIS A 270 -15.73 19.05 -29.12
N ASP A 271 -15.78 17.73 -29.09
CA ASP A 271 -14.60 16.92 -29.24
C ASP A 271 -13.90 17.23 -30.55
N VAL A 272 -13.07 18.25 -30.57
CA VAL A 272 -12.31 18.57 -31.74
C VAL A 272 -10.88 19.00 -31.50
N VAL A 273 -9.93 18.55 -32.34
CA VAL A 273 -8.50 18.80 -32.17
C VAL A 273 -8.13 19.96 -33.06
N PHE A 274 -7.78 21.11 -32.49
CA PHE A 274 -7.27 22.23 -33.25
C PHE A 274 -5.77 22.13 -33.43
N LEU A 275 -5.28 22.02 -34.66
CA LEU A 275 -3.87 22.10 -34.98
C LEU A 275 -3.44 23.29 -35.76
N ILE A 276 -2.43 23.96 -35.23
CA ILE A 276 -1.75 25.06 -35.86
C ILE A 276 -0.35 24.67 -36.26
N THR A 277 0.02 24.99 -37.48
CA THR A 277 1.35 24.70 -38.03
C THR A 277 2.26 25.92 -37.94
N LYS A 278 3.49 25.78 -38.40
CA LYS A 278 4.47 26.86 -38.34
C LYS A 278 4.18 27.99 -39.31
N TYR A 279 3.57 27.68 -40.44
CA TYR A 279 3.23 28.70 -41.42
C TYR A 279 2.06 29.58 -41.00
N GLY A 280 1.19 29.10 -40.12
CA GLY A 280 -0.16 29.65 -40.03
C GLY A 280 -1.13 28.93 -40.97
N TYR A 281 -1.31 27.67 -40.63
CA TYR A 281 -2.38 26.82 -41.12
C TYR A 281 -3.08 26.24 -39.93
N ILE A 282 -4.39 26.06 -40.03
CA ILE A 282 -5.20 25.42 -39.03
C ILE A 282 -5.87 24.20 -39.57
N HIS A 283 -5.97 23.18 -38.76
CA HIS A 283 -6.81 22.06 -39.05
C HIS A 283 -7.52 21.55 -37.82
N LEU A 284 -8.78 21.20 -38.01
CA LEU A 284 -9.59 20.56 -37.00
C LEU A 284 -9.83 19.13 -37.34
N TYR A 285 -9.71 18.28 -36.34
CA TYR A 285 -9.92 16.87 -36.50
C TYR A 285 -10.94 16.40 -35.46
N ASP A 286 -11.72 15.37 -35.74
CA ASP A 286 -12.66 14.82 -34.75
C ASP A 286 -11.93 13.99 -33.70
N LEU A 287 -11.87 14.41 -32.44
CA LEU A 287 -11.07 13.72 -31.42
C LEU A 287 -11.31 12.19 -31.31
N GLU A 288 -12.51 11.68 -31.53
CA GLU A 288 -12.76 10.25 -31.32
C GLU A 288 -12.28 9.39 -32.48
N THR A 289 -12.61 9.89 -33.67
CA THR A 289 -12.23 9.34 -34.95
C THR A 289 -11.49 10.47 -35.53
N GLY A 290 -10.18 10.35 -35.64
CA GLY A 290 -9.31 11.43 -36.05
C GLY A 290 -9.62 12.05 -37.43
N THR A 291 -10.77 11.81 -38.00
CA THR A 291 -11.22 12.28 -39.28
C THR A 291 -11.11 13.79 -39.36
N CYS A 292 -10.32 14.22 -40.36
CA CYS A 292 -10.19 15.60 -40.71
C CYS A 292 -11.54 16.26 -40.89
N ILE A 293 -11.73 17.48 -40.39
CA ILE A 293 -12.98 18.19 -40.58
C ILE A 293 -12.91 19.56 -41.21
N TYR A 294 -11.72 20.17 -41.23
CA TYR A 294 -11.43 21.37 -42.01
C TYR A 294 -9.97 21.71 -41.92
N MET A 295 -9.45 22.37 -42.95
CA MET A 295 -8.12 22.95 -42.90
C MET A 295 -8.05 24.22 -43.70
N ASN A 296 -7.56 25.31 -43.13
CA ASN A 296 -7.30 26.50 -43.92
C ASN A 296 -6.18 27.38 -43.35
N ARG A 297 -5.63 28.31 -44.12
CA ARG A 297 -4.61 29.27 -43.65
C ARG A 297 -5.24 30.47 -42.95
N ILE A 298 -4.80 30.84 -41.76
CA ILE A 298 -5.30 32.09 -41.15
C ILE A 298 -4.30 33.14 -40.81
N SER A 299 -3.03 32.82 -41.03
CA SER A 299 -1.89 33.66 -40.73
C SER A 299 -0.79 33.43 -41.76
N HIS B 102 12.14 14.11 26.62
CA HIS B 102 11.31 14.36 25.45
C HIS B 102 10.64 15.73 25.44
N THR B 103 9.77 16.00 24.46
CA THR B 103 8.81 17.11 24.47
C THR B 103 7.57 16.52 23.84
N MET B 104 6.67 16.02 24.67
CA MET B 104 5.34 15.59 24.29
C MET B 104 4.66 16.70 23.64
N THR B 105 3.71 16.30 22.83
CA THR B 105 3.04 17.26 22.00
C THR B 105 1.78 17.78 22.68
N ASP B 106 1.36 17.19 23.80
CA ASP B 106 0.32 17.69 24.69
C ASP B 106 0.78 17.56 26.12
N ASP B 107 0.37 18.51 26.96
CA ASP B 107 0.67 18.49 28.37
C ASP B 107 0.20 17.18 28.94
N VAL B 108 0.98 16.69 29.87
CA VAL B 108 0.59 15.47 30.53
C VAL B 108 0.13 15.82 31.89
N THR B 109 -1.12 15.47 31.98
CA THR B 109 -1.95 15.74 33.09
C THR B 109 -1.80 14.79 34.25
N PHE B 110 -0.97 13.75 34.10
CA PHE B 110 -0.33 12.99 35.19
C PHE B 110 0.62 12.01 34.78
N TRP B 111 1.39 11.68 35.79
CA TRP B 111 2.20 10.58 35.65
C TRP B 111 2.42 9.79 36.92
N LYS B 112 2.50 8.45 36.84
CA LYS B 112 3.07 7.54 37.88
C LYS B 112 3.97 6.22 37.46
N TRP B 113 5.20 5.97 38.02
CA TRP B 113 6.36 4.92 37.76
C TRP B 113 5.98 3.53 38.02
N ILE B 114 5.16 3.14 37.09
CA ILE B 114 4.45 1.91 37.25
C ILE B 114 5.43 0.78 37.63
N SER B 115 6.71 0.89 37.19
CA SER B 115 7.73 -0.06 37.54
C SER B 115 9.09 0.53 37.92
N LEU B 116 10.10 -0.35 38.01
CA LEU B 116 11.51 -0.01 38.27
C LEU B 116 12.17 0.80 37.20
N ASN B 117 11.56 0.68 36.03
CA ASN B 117 11.88 1.55 34.96
C ASN B 117 10.74 1.54 33.98
N THR B 118 9.93 2.58 34.06
CA THR B 118 8.79 2.93 33.18
C THR B 118 7.91 3.99 33.85
N VAL B 119 7.57 5.00 33.05
CA VAL B 119 6.89 6.23 33.36
C VAL B 119 5.55 6.36 32.66
N ALA B 120 4.44 6.18 33.38
CA ALA B 120 3.15 6.40 32.77
C ALA B 120 2.80 7.86 32.60
N LEU B 121 2.66 8.30 31.39
CA LEU B 121 2.09 9.56 31.06
C LEU B 121 0.66 9.56 30.66
N VAL B 122 -0.14 10.34 31.35
CA VAL B 122 -1.54 10.52 31.09
C VAL B 122 -1.74 11.88 30.47
N THR B 123 -2.03 11.96 29.20
CA THR B 123 -2.35 13.26 28.56
C THR B 123 -3.83 13.56 28.73
N ASP B 124 -4.35 14.64 28.15
CA ASP B 124 -5.80 14.87 28.20
C ASP B 124 -6.62 13.77 27.52
N ASN B 125 -6.01 13.07 26.55
CA ASN B 125 -6.71 12.05 25.77
C ASN B 125 -5.96 10.73 25.57
N ALA B 126 -4.85 10.47 26.27
CA ALA B 126 -4.25 9.15 26.18
C ALA B 126 -3.39 8.83 27.39
N VAL B 127 -2.88 7.62 27.38
CA VAL B 127 -1.86 7.19 28.32
C VAL B 127 -0.70 6.63 27.54
N TYR B 128 0.52 6.93 27.97
CA TYR B 128 1.73 6.50 27.35
C TYR B 128 2.72 5.98 28.39
N HIS B 129 3.35 4.85 28.14
CA HIS B 129 4.48 4.42 28.94
C HIS B 129 5.80 4.88 28.34
N TRP B 130 6.68 5.44 29.17
CA TRP B 130 8.05 5.76 28.78
C TRP B 130 9.08 5.02 29.60
N SER B 131 10.07 4.37 29.02
CA SER B 131 10.83 3.35 29.76
C SER B 131 12.03 3.79 30.67
N MET B 132 12.53 5.04 30.62
CA MET B 132 13.92 5.44 31.04
C MET B 132 15.03 4.85 30.19
N GLU B 133 14.85 3.64 29.66
CA GLU B 133 16.01 2.85 29.23
C GLU B 133 16.96 3.46 28.19
N GLY B 134 16.83 3.14 26.91
CA GLY B 134 17.71 3.68 25.89
C GLY B 134 17.06 4.88 25.25
N GLU B 135 17.40 5.09 23.98
CA GLU B 135 16.82 6.16 23.15
C GLU B 135 15.30 6.05 22.90
N SER B 136 14.58 5.15 23.57
CA SER B 136 13.18 4.91 23.29
C SER B 136 12.29 6.03 23.84
N GLN B 137 11.27 6.40 23.08
CA GLN B 137 10.38 7.50 23.35
C GLN B 137 9.01 6.97 23.79
N PRO B 138 8.15 7.84 24.35
CA PRO B 138 6.89 7.45 24.97
C PRO B 138 5.99 6.69 24.01
N VAL B 139 5.41 5.60 24.51
CA VAL B 139 4.59 4.72 23.70
C VAL B 139 3.16 4.72 24.22
N LYS B 140 2.18 5.02 23.34
CA LYS B 140 0.71 5.06 23.62
C LYS B 140 0.17 3.71 23.85
N MET B 141 -0.41 3.50 24.99
CA MET B 141 -0.95 2.19 25.32
C MET B 141 -2.45 2.18 25.05
N PHE B 142 -3.11 3.32 25.23
CA PHE B 142 -4.51 3.53 24.90
C PHE B 142 -4.93 5.00 25.00
N ASP B 143 -6.06 5.33 24.38
CA ASP B 143 -6.71 6.61 24.45
C ASP B 143 -7.58 6.69 25.70
N ARG B 144 -7.90 7.89 26.20
CA ARG B 144 -8.81 8.07 27.33
C ARG B 144 -10.26 7.78 26.99
N HIS B 145 -10.91 6.93 27.78
CA HIS B 145 -12.30 6.58 27.55
C HIS B 145 -13.13 7.72 28.08
N SER B 146 -14.06 8.15 27.26
CA SER B 146 -14.90 9.32 27.51
C SER B 146 -15.56 9.41 28.90
N SER B 147 -15.88 8.33 29.63
CA SER B 147 -16.53 8.49 30.98
C SER B 147 -15.63 9.21 31.96
N LEU B 148 -14.34 9.33 31.61
CA LEU B 148 -13.37 10.08 32.31
C LEU B 148 -13.38 11.54 31.95
N ALA B 149 -13.43 11.97 30.70
CA ALA B 149 -13.64 13.38 30.34
C ALA B 149 -13.83 14.43 31.45
N GLY B 150 -12.86 15.34 31.52
CA GLY B 150 -12.94 16.47 32.45
C GLY B 150 -12.61 16.17 33.89
N CYS B 151 -12.42 14.91 34.20
CA CYS B 151 -12.11 14.39 35.48
C CYS B 151 -10.73 14.76 36.01
N GLN B 152 -10.72 14.98 37.33
CA GLN B 152 -9.56 15.07 38.17
C GLN B 152 -8.92 13.73 38.09
N ILE B 153 -7.94 13.53 37.22
CA ILE B 153 -7.35 12.22 37.31
C ILE B 153 -6.67 12.11 38.74
N ILE B 154 -6.60 10.94 39.38
CA ILE B 154 -6.01 10.74 40.75
C ILE B 154 -5.10 9.51 40.93
N ASN B 155 -5.23 8.51 40.08
CA ASN B 155 -4.25 7.42 40.03
C ASN B 155 -4.25 6.73 38.67
N TYR B 156 -3.16 6.06 38.39
CA TYR B 156 -3.03 5.13 37.30
C TYR B 156 -2.37 3.87 37.84
N ARG B 157 -2.82 2.64 37.54
CA ARG B 157 -2.29 1.39 38.09
C ARG B 157 -2.28 0.29 37.09
N THR B 158 -1.33 -0.61 37.13
CA THR B 158 -1.37 -1.81 36.28
C THR B 158 -1.24 -3.08 37.08
N ASP B 159 -1.33 -4.15 36.34
CA ASP B 159 -1.04 -5.45 36.88
C ASP B 159 0.44 -5.69 36.86
N ALA B 160 0.87 -6.73 37.55
CA ALA B 160 2.27 -7.08 37.55
C ALA B 160 2.78 -7.31 36.11
N LYS B 161 1.96 -7.98 35.28
CA LYS B 161 2.27 -8.17 33.87
C LYS B 161 2.10 -6.95 33.00
N GLN B 162 1.59 -5.82 33.50
CA GLN B 162 1.28 -4.71 32.63
C GLN B 162 0.42 -5.17 31.44
N LYS B 163 -0.56 -6.04 31.72
CA LYS B 163 -1.48 -6.58 30.74
C LYS B 163 -2.94 -6.18 30.97
N TRP B 164 -3.12 -5.36 32.00
CA TRP B 164 -4.30 -4.62 32.34
C TRP B 164 -3.79 -3.30 32.90
N LEU B 165 -4.51 -2.23 32.59
CA LEU B 165 -4.17 -0.88 33.02
C LEU B 165 -5.41 -0.23 33.61
N LEU B 166 -5.28 0.47 34.71
CA LEU B 166 -6.33 1.22 35.36
C LEU B 166 -6.04 2.70 35.41
N LEU B 167 -6.94 3.50 34.91
CA LEU B 167 -6.92 4.94 35.06
C LEU B 167 -8.07 5.35 35.96
N THR B 168 -7.85 6.30 36.87
CA THR B 168 -8.93 6.79 37.76
C THR B 168 -8.85 8.27 37.93
N GLY B 169 -9.91 8.76 38.53
CA GLY B 169 -10.14 10.14 38.42
C GLY B 169 -11.54 10.43 38.85
N ILE B 170 -11.70 11.55 39.52
CA ILE B 170 -12.94 11.86 40.17
C ILE B 170 -13.53 13.21 39.73
N SER B 171 -14.85 13.29 39.85
CA SER B 171 -15.66 14.48 39.62
C SER B 171 -16.48 14.89 40.82
N ALA B 172 -16.88 16.15 40.87
CA ALA B 172 -17.79 16.69 41.89
C ALA B 172 -19.28 16.65 41.48
N GLN B 173 -19.63 15.70 40.63
CA GLN B 173 -20.98 15.46 40.15
C GLN B 173 -22.10 15.58 41.18
N GLN B 174 -23.02 16.51 40.92
CA GLN B 174 -24.16 16.89 41.79
C GLN B 174 -23.78 16.67 43.25
N ASN B 175 -22.82 17.44 43.76
CA ASN B 175 -22.50 17.49 45.18
C ASN B 175 -21.77 16.24 45.74
N ARG B 176 -21.49 15.24 44.89
CA ARG B 176 -20.72 14.05 45.21
C ARG B 176 -19.46 13.83 44.38
N VAL B 177 -18.38 13.34 45.03
CA VAL B 177 -17.00 13.16 44.47
C VAL B 177 -16.90 11.94 43.53
N VAL B 178 -17.86 11.70 42.68
CA VAL B 178 -17.95 10.48 41.86
C VAL B 178 -16.64 10.09 41.18
N GLY B 179 -16.11 8.90 41.49
CA GLY B 179 -14.92 8.35 40.87
C GLY B 179 -15.26 7.54 39.64
N ALA B 180 -14.59 7.84 38.56
CA ALA B 180 -14.58 7.08 37.33
C ALA B 180 -13.30 6.23 37.29
N MET B 181 -13.36 5.12 36.59
CA MET B 181 -12.17 4.36 36.27
C MET B 181 -12.27 3.84 34.85
N GLN B 182 -11.13 3.72 34.20
CA GLN B 182 -10.93 2.98 32.98
C GLN B 182 -10.04 1.78 33.24
N LEU B 183 -10.40 0.66 32.62
CA LEU B 183 -9.78 -0.64 32.79
C LEU B 183 -9.51 -1.03 31.36
N TYR B 184 -8.28 -0.87 30.94
CA TYR B 184 -7.90 -1.20 29.59
C TYR B 184 -7.31 -2.61 29.58
N SER B 185 -7.72 -3.39 28.62
CA SER B 185 -7.07 -4.64 28.29
C SER B 185 -6.12 -4.38 27.17
N VAL B 186 -4.87 -4.75 27.41
CA VAL B 186 -3.82 -4.49 26.45
C VAL B 186 -3.79 -5.69 25.49
N ASP B 187 -3.79 -6.97 25.89
CA ASP B 187 -3.80 -8.02 24.84
C ASP B 187 -5.13 -8.08 24.10
N ARG B 188 -6.26 -7.95 24.81
CA ARG B 188 -7.56 -7.92 24.12
C ARG B 188 -7.76 -6.69 23.26
N LYS B 189 -7.04 -5.61 23.58
CA LYS B 189 -7.25 -4.26 23.02
C LYS B 189 -8.65 -3.68 23.27
N VAL B 190 -9.25 -4.02 24.41
CA VAL B 190 -10.61 -3.57 24.76
C VAL B 190 -10.68 -2.98 26.15
N SER B 191 -11.51 -1.94 26.30
CA SER B 191 -11.50 -1.09 27.47
C SER B 191 -12.83 -0.72 28.07
N GLN B 192 -13.01 -1.02 29.34
CA GLN B 192 -14.26 -0.75 30.00
C GLN B 192 -14.16 0.47 30.89
N PRO B 193 -15.21 1.31 30.95
CA PRO B 193 -15.44 2.13 32.09
C PRO B 193 -15.73 1.15 33.17
N ILE B 194 -15.16 1.52 34.35
CA ILE B 194 -15.56 1.08 35.69
C ILE B 194 -16.80 0.33 35.96
N GLU B 195 -16.73 -1.05 35.71
CA GLU B 195 -16.81 -2.32 36.58
C GLU B 195 -15.96 -2.78 37.91
N GLY B 196 -14.63 -2.54 38.19
CA GLY B 196 -14.06 -2.20 39.52
C GLY B 196 -13.15 -0.91 39.58
N HIS B 197 -13.59 0.31 40.03
CA HIS B 197 -12.88 1.58 40.34
C HIS B 197 -11.76 1.34 41.27
N ALA B 198 -12.03 1.12 42.53
CA ALA B 198 -10.90 0.68 43.31
C ALA B 198 -10.82 -0.80 43.01
N ALA B 199 -9.62 -1.18 42.56
CA ALA B 199 -9.23 -2.57 42.39
C ALA B 199 -7.76 -2.81 42.21
N SER B 200 -7.30 -3.89 42.85
CA SER B 200 -5.94 -4.36 42.69
C SER B 200 -5.89 -5.89 42.58
N PHE B 201 -4.79 -6.40 42.03
CA PHE B 201 -4.61 -7.83 41.87
C PHE B 201 -3.56 -8.37 42.76
N ALA B 202 -3.82 -9.59 43.21
CA ALA B 202 -2.96 -10.29 44.12
C ALA B 202 -2.60 -11.65 43.64
N GLN B 203 -1.49 -12.12 44.14
CA GLN B 203 -1.14 -13.51 44.01
C GLN B 203 -1.47 -14.08 45.38
N PHE B 204 -2.28 -15.14 45.53
CA PHE B 204 -2.39 -15.85 46.81
C PHE B 204 -2.35 -17.37 46.68
N LYS B 205 -1.51 -18.00 47.52
CA LYS B 205 -1.49 -19.45 47.80
C LYS B 205 -2.61 -19.94 48.70
N MET B 206 -3.62 -20.53 48.08
CA MET B 206 -4.73 -21.06 48.86
C MET B 206 -4.29 -22.31 49.63
N GLU B 207 -4.84 -22.51 50.81
CA GLU B 207 -4.37 -23.44 51.85
C GLU B 207 -3.74 -24.79 51.40
N GLY B 208 -4.41 -25.65 50.59
CA GLY B 208 -3.78 -26.88 50.06
C GLY B 208 -3.62 -26.84 48.57
N ASN B 209 -2.93 -25.82 48.07
CA ASN B 209 -2.48 -25.74 46.70
C ASN B 209 -0.99 -25.40 46.64
N ALA B 210 -0.34 -25.85 45.58
CA ALA B 210 1.08 -25.60 45.37
C ALA B 210 1.37 -24.26 44.68
N GLU B 211 0.35 -23.66 44.05
CA GLU B 211 0.53 -22.53 43.16
C GLU B 211 -0.37 -21.34 43.49
N GLU B 212 0.21 -20.17 43.40
CA GLU B 212 -0.44 -18.92 43.76
C GLU B 212 -1.51 -18.41 42.80
N SER B 213 -2.76 -18.67 43.13
CA SER B 213 -3.91 -18.11 42.43
C SER B 213 -3.92 -16.57 42.34
N THR B 214 -4.07 -16.10 41.11
CA THR B 214 -4.17 -14.70 40.72
C THR B 214 -5.53 -14.08 41.06
N LEU B 215 -5.65 -13.38 42.16
CA LEU B 215 -6.90 -12.75 42.54
C LEU B 215 -7.06 -11.33 41.97
N PHE B 216 -8.27 -10.97 41.57
CA PHE B 216 -8.70 -9.63 41.17
C PHE B 216 -9.71 -9.16 42.18
N CYS B 217 -9.27 -8.28 43.05
CA CYS B 217 -10.13 -7.65 44.00
C CYS B 217 -10.62 -6.28 43.55
N PHE B 218 -11.93 -6.04 43.50
CA PHE B 218 -12.60 -4.77 43.12
C PHE B 218 -13.77 -4.35 44.02
N ALA B 219 -13.86 -3.05 44.33
CA ALA B 219 -14.87 -2.45 45.22
C ALA B 219 -15.59 -1.25 44.66
N VAL B 220 -16.90 -1.37 44.62
CA VAL B 220 -17.78 -0.38 44.00
C VAL B 220 -18.89 -0.04 44.91
N ARG B 221 -19.34 1.21 44.94
CA ARG B 221 -20.72 1.48 45.35
C ARG B 221 -21.56 1.76 44.12
N GLY B 222 -22.73 1.18 44.21
CA GLY B 222 -23.71 1.13 43.16
C GLY B 222 -25.09 1.30 43.78
N GLN B 223 -26.14 1.05 43.02
CA GLN B 223 -27.50 1.18 43.55
C GLN B 223 -27.77 0.23 44.72
N ALA B 224 -27.28 -1.01 44.63
CA ALA B 224 -27.29 -1.97 45.74
C ALA B 224 -26.38 -1.60 46.92
N GLY B 225 -25.74 -0.43 46.95
CA GLY B 225 -24.66 -0.18 47.88
C GLY B 225 -23.36 -0.94 47.58
N GLY B 226 -22.31 -0.34 48.10
CA GLY B 226 -20.91 -0.75 48.17
C GLY B 226 -20.65 -2.26 48.34
N LYS B 227 -19.91 -2.83 47.41
CA LYS B 227 -19.55 -4.23 47.43
C LYS B 227 -18.14 -4.40 46.94
N LEU B 228 -17.36 -5.12 47.74
CA LEU B 228 -16.08 -5.65 47.38
C LEU B 228 -16.25 -7.07 46.87
N HIS B 229 -15.51 -7.39 45.83
CA HIS B 229 -15.49 -8.69 45.17
C HIS B 229 -14.03 -9.11 45.12
N ILE B 230 -13.70 -10.31 45.57
CA ILE B 230 -12.40 -10.95 45.29
C ILE B 230 -12.68 -12.04 44.28
N ILE B 231 -11.85 -12.36 43.30
CA ILE B 231 -12.13 -13.44 42.33
C ILE B 231 -10.85 -14.06 41.86
N GLU B 232 -10.89 -15.31 41.44
CA GLU B 232 -9.87 -15.81 40.56
C GLU B 232 -9.91 -15.18 39.18
N VAL B 233 -8.72 -14.85 38.68
CA VAL B 233 -8.58 -14.51 37.28
C VAL B 233 -7.85 -15.54 36.48
N GLY B 234 -8.59 -16.07 35.50
CA GLY B 234 -8.06 -17.02 34.53
C GLY B 234 -7.62 -18.35 35.13
N THR B 235 -7.61 -19.41 34.33
CA THR B 235 -7.48 -20.82 34.75
C THR B 235 -6.53 -21.07 35.92
N PRO B 236 -6.92 -21.89 36.92
CA PRO B 236 -6.06 -22.32 38.03
C PRO B 236 -4.83 -23.05 37.53
N PRO B 237 -3.69 -22.94 38.24
CA PRO B 237 -2.53 -23.68 37.77
C PRO B 237 -2.91 -25.18 37.88
N THR B 238 -2.28 -26.10 37.17
CA THR B 238 -2.97 -27.37 36.82
C THR B 238 -3.58 -28.24 37.94
N GLY B 239 -2.89 -28.54 39.05
CA GLY B 239 -3.49 -29.33 40.16
C GLY B 239 -4.30 -28.51 41.16
N ASN B 240 -4.38 -27.19 40.94
CA ASN B 240 -4.99 -26.27 41.86
C ASN B 240 -6.49 -26.41 41.87
N GLN B 241 -6.92 -26.36 43.10
CA GLN B 241 -8.28 -26.27 43.53
C GLN B 241 -8.61 -24.78 43.31
N PRO B 242 -9.56 -24.42 42.42
CA PRO B 242 -10.04 -23.05 42.24
C PRO B 242 -10.32 -22.32 43.57
N PHE B 243 -10.07 -21.00 43.61
CA PHE B 243 -10.51 -20.11 44.69
C PHE B 243 -11.99 -19.77 44.55
N PRO B 244 -12.81 -19.97 45.57
CA PRO B 244 -14.21 -19.56 45.52
C PRO B 244 -14.33 -18.07 45.33
N LYS B 245 -15.08 -17.61 44.35
CA LYS B 245 -15.31 -16.17 44.19
C LYS B 245 -15.92 -15.60 45.49
N LYS B 246 -15.50 -14.41 45.92
CA LYS B 246 -16.04 -13.73 47.09
C LYS B 246 -16.70 -12.41 46.71
N ALA B 247 -17.63 -12.03 47.57
CA ALA B 247 -18.30 -10.76 47.59
C ALA B 247 -18.73 -10.49 49.03
N VAL B 248 -18.60 -9.24 49.43
CA VAL B 248 -18.91 -8.66 50.75
C VAL B 248 -19.35 -7.24 50.52
N ASP B 249 -20.25 -6.74 51.35
CA ASP B 249 -20.58 -5.32 51.31
C ASP B 249 -19.55 -4.49 52.07
N VAL B 250 -19.21 -3.36 51.44
CA VAL B 250 -18.51 -2.27 52.09
C VAL B 250 -19.51 -1.28 52.66
N GLY C 1 11.53 -22.43 -2.49
CA GLY C 1 10.85 -21.31 -3.17
C GLY C 1 9.63 -20.86 -2.42
N GLY C 2 9.29 -19.59 -2.53
CA GLY C 2 8.05 -19.10 -1.92
C GLY C 2 6.78 -19.39 -2.70
N TYR C 3 5.68 -18.92 -2.13
CA TYR C 3 4.34 -18.98 -2.70
C TYR C 3 4.31 -18.20 -4.00
N VAL C 4 3.69 -18.81 -5.00
CA VAL C 4 3.40 -18.23 -6.29
C VAL C 4 1.91 -18.47 -6.48
N ALA C 5 1.12 -17.45 -6.82
CA ALA C 5 -0.28 -17.72 -7.13
C ALA C 5 -0.43 -18.44 -8.48
N PRO C 6 -1.49 -19.24 -8.69
CA PRO C 6 -1.80 -19.74 -10.02
C PRO C 6 -1.97 -18.54 -10.97
N LYS C 7 -1.63 -18.75 -12.25
CA LYS C 7 -1.96 -17.74 -13.25
C LYS C 7 -3.46 -17.48 -13.25
N ALA C 8 -3.83 -16.24 -13.48
CA ALA C 8 -5.20 -15.82 -13.67
C ALA C 8 -5.31 -15.01 -14.96
N VAL C 9 -6.50 -14.97 -15.52
CA VAL C 9 -6.77 -14.16 -16.73
C VAL C 9 -6.70 -12.68 -16.34
N TRP C 10 -5.77 -12.00 -17.00
CA TRP C 10 -5.55 -10.57 -16.84
C TRP C 10 -6.12 -9.77 -17.99
N LEU C 11 -6.10 -10.34 -19.19
CA LEU C 11 -6.68 -9.69 -20.34
C LEU C 11 -7.38 -10.79 -21.14
N PRO C 12 -8.71 -10.78 -21.24
CA PRO C 12 -9.44 -11.72 -22.09
C PRO C 12 -9.32 -11.36 -23.56
N ALA C 13 -9.21 -12.37 -24.42
CA ALA C 13 -9.23 -12.20 -25.87
C ALA C 13 -10.29 -11.27 -26.40
N VAL C 14 -11.52 -11.38 -25.91
CA VAL C 14 -12.61 -10.59 -26.48
C VAL C 14 -12.55 -9.13 -26.15
N LYS C 15 -11.85 -8.76 -25.08
CA LYS C 15 -11.61 -7.37 -24.76
C LYS C 15 -10.44 -6.80 -25.60
N ALA C 16 -9.52 -7.66 -26.05
CA ALA C 16 -8.25 -7.24 -26.64
C ALA C 16 -8.04 -7.72 -28.08
N LYS C 17 -9.12 -7.72 -28.87
CA LYS C 17 -9.04 -8.07 -30.29
C LYS C 17 -8.34 -9.42 -30.55
N GLY C 18 -8.67 -10.37 -29.70
CA GLY C 18 -8.18 -11.75 -29.73
C GLY C 18 -6.93 -12.03 -28.91
N LEU C 19 -6.25 -11.02 -28.34
CA LEU C 19 -5.12 -11.31 -27.47
C LEU C 19 -5.63 -11.77 -26.12
N GLU C 20 -5.19 -12.90 -25.58
CA GLU C 20 -5.48 -13.33 -24.21
C GLU C 20 -4.19 -13.40 -23.39
N ILE C 21 -4.13 -12.70 -22.24
CA ILE C 21 -3.02 -12.76 -21.31
C ILE C 21 -3.52 -13.33 -19.99
N SER C 22 -2.84 -14.39 -19.55
CA SER C 22 -2.93 -14.86 -18.16
C SER C 22 -1.60 -14.62 -17.47
N GLY C 23 -1.58 -14.42 -16.16
CA GLY C 23 -0.35 -14.09 -15.47
C GLY C 23 -0.34 -14.33 -13.98
N THR C 24 0.88 -14.40 -13.46
CA THR C 24 1.20 -14.42 -12.03
C THR C 24 2.54 -13.72 -11.81
N PHE C 25 2.89 -13.49 -10.55
CA PHE C 25 4.21 -13.01 -10.19
C PHE C 25 4.96 -14.08 -9.43
N THR C 26 6.27 -14.03 -9.56
CA THR C 26 7.18 -14.91 -8.84
C THR C 26 8.38 -14.11 -8.36
N HIS C 27 9.09 -14.70 -7.40
CA HIS C 27 10.37 -14.26 -6.92
C HIS C 27 11.29 -15.47 -6.97
N ARG C 28 12.35 -15.39 -7.78
CA ARG C 28 13.38 -16.42 -7.92
C ARG C 28 14.71 -15.83 -7.57
N GLN C 29 15.27 -16.24 -6.44
CA GLN C 29 16.65 -15.90 -6.06
C GLN C 29 16.97 -14.42 -6.23
N GLY C 30 16.22 -13.63 -5.47
CA GLY C 30 16.37 -12.20 -5.45
C GLY C 30 15.86 -11.49 -6.69
N HIS C 31 15.18 -12.19 -7.60
CA HIS C 31 14.68 -11.62 -8.86
C HIS C 31 13.18 -11.79 -9.03
N ILE C 32 12.52 -10.70 -9.35
CA ILE C 32 11.09 -10.66 -9.54
C ILE C 32 10.76 -10.89 -11.00
N TYR C 33 9.71 -11.67 -11.23
CA TYR C 33 9.20 -11.93 -12.56
C TYR C 33 7.70 -11.74 -12.60
N MET C 34 7.25 -11.14 -13.70
CA MET C 34 5.89 -11.26 -14.16
C MET C 34 5.86 -12.36 -15.20
N GLU C 35 5.20 -13.44 -14.82
CA GLU C 35 5.13 -14.63 -15.63
C GLU C 35 3.77 -14.73 -16.29
N MET C 36 3.76 -14.70 -17.61
CA MET C 36 2.55 -14.63 -18.39
C MET C 36 2.46 -15.74 -19.41
N ASN C 37 1.24 -16.00 -19.83
CA ASN C 37 0.95 -16.74 -21.05
C ASN C 37 0.15 -15.81 -21.96
N PHE C 38 0.60 -15.69 -23.21
CA PHE C 38 -0.06 -14.91 -24.25
C PHE C 38 -0.61 -15.89 -25.27
N THR C 39 -1.88 -15.77 -25.58
CA THR C 39 -2.54 -16.60 -26.58
C THR C 39 -3.15 -15.74 -27.64
N ASN C 40 -2.88 -16.04 -28.90
CA ASN C 40 -3.52 -15.40 -30.02
C ASN C 40 -4.80 -16.17 -30.37
N LYS C 41 -5.95 -15.63 -29.95
CA LYS C 41 -7.28 -16.10 -30.35
C LYS C 41 -7.85 -15.32 -31.55
N ALA C 42 -7.07 -14.48 -32.21
CA ALA C 42 -7.46 -13.75 -33.41
C ALA C 42 -7.17 -14.56 -34.69
N LEU C 43 -7.48 -13.95 -35.84
CA LEU C 43 -7.15 -14.50 -37.16
C LEU C 43 -5.99 -13.80 -37.86
N GLN C 44 -5.35 -12.86 -37.21
CA GLN C 44 -4.14 -12.22 -37.73
C GLN C 44 -2.93 -12.72 -36.96
N HIS C 45 -1.75 -12.73 -37.57
CA HIS C 45 -0.54 -12.92 -36.79
C HIS C 45 -0.42 -11.73 -35.81
N MET C 46 0.19 -11.93 -34.67
CA MET C 46 0.49 -10.83 -33.76
C MET C 46 1.99 -10.64 -33.67
N THR C 47 2.40 -9.38 -33.78
CA THR C 47 3.80 -8.98 -33.72
C THR C 47 3.96 -7.73 -32.89
N ASP C 48 5.21 -7.28 -32.77
CA ASP C 48 5.51 -5.96 -32.24
C ASP C 48 5.05 -5.80 -30.78
N PHE C 49 5.13 -6.88 -30.01
CA PHE C 49 4.71 -6.88 -28.63
C PHE C 49 5.56 -5.89 -27.81
N ALA C 50 4.90 -5.14 -26.94
CA ALA C 50 5.56 -4.26 -25.99
C ALA C 50 4.67 -4.06 -24.76
N ILE C 51 5.26 -3.69 -23.64
CA ILE C 51 4.54 -3.54 -22.37
C ILE C 51 5.10 -2.38 -21.56
N GLN C 52 4.24 -1.70 -20.83
CA GLN C 52 4.66 -0.76 -19.81
C GLN C 52 3.71 -0.78 -18.64
N PHE C 53 4.18 -0.28 -17.50
CA PHE C 53 3.34 -0.08 -16.32
C PHE C 53 3.15 1.40 -16.06
N ASN C 54 2.00 1.75 -15.49
CA ASN C 54 1.92 3.02 -14.81
C ASN C 54 2.81 3.04 -13.56
N LYS C 55 3.03 4.23 -13.06
CA LYS C 55 3.70 4.47 -11.77
C LYS C 55 2.95 3.81 -10.64
N ASN C 56 3.70 3.31 -9.68
CA ASN C 56 3.14 2.37 -8.72
C ASN C 56 3.80 2.42 -7.35
N SER C 57 3.15 1.82 -6.36
CA SER C 57 3.51 2.10 -4.98
C SER C 57 4.90 1.62 -4.63
N PHE C 58 5.34 0.54 -5.28
CA PHE C 58 6.65 -0.06 -5.02
C PHE C 58 7.67 0.14 -6.15
N GLY C 59 7.38 1.06 -7.07
CA GLY C 59 8.31 1.46 -8.12
C GLY C 59 8.65 0.32 -9.09
N VAL C 60 7.70 -0.58 -9.29
CA VAL C 60 7.82 -1.76 -10.11
C VAL C 60 7.83 -1.39 -11.58
N ILE C 61 8.80 -1.90 -12.31
CA ILE C 61 8.90 -1.75 -13.75
C ILE C 61 9.42 -3.05 -14.36
N PRO C 62 9.20 -3.26 -15.66
CA PRO C 62 9.97 -4.24 -16.39
C PRO C 62 11.42 -3.83 -16.35
N SER C 63 12.34 -4.77 -16.29
CA SER C 63 13.76 -4.49 -16.39
C SER C 63 14.35 -4.75 -17.78
N THR C 64 13.60 -5.39 -18.66
CA THR C 64 13.96 -5.56 -20.07
C THR C 64 12.75 -5.44 -20.99
N PRO C 65 12.96 -5.25 -22.32
CA PRO C 65 11.91 -5.45 -23.30
C PRO C 65 11.31 -6.84 -23.22
N LEU C 66 10.05 -6.90 -23.57
CA LEU C 66 9.28 -8.12 -23.57
C LEU C 66 9.82 -9.07 -24.61
N ALA C 67 10.15 -10.28 -24.16
CA ALA C 67 10.90 -11.20 -25.00
C ALA C 67 9.97 -12.09 -25.82
N ILE C 68 9.33 -11.48 -26.81
CA ILE C 68 8.52 -12.17 -27.81
C ILE C 68 9.11 -11.77 -29.17
N HIS C 69 9.84 -12.69 -29.81
CA HIS C 69 10.61 -12.33 -31.01
C HIS C 69 9.95 -12.73 -32.32
N THR C 70 9.09 -13.74 -32.28
CA THR C 70 8.53 -14.36 -33.47
C THR C 70 7.05 -14.04 -33.51
N PRO C 71 6.42 -13.95 -34.70
CA PRO C 71 4.99 -13.74 -34.74
C PRO C 71 4.26 -14.81 -33.93
N LEU C 72 3.27 -14.38 -33.19
CA LEU C 72 2.37 -15.26 -32.47
C LEU C 72 1.23 -15.51 -33.45
N MET C 73 1.24 -16.69 -34.00
CA MET C 73 0.31 -17.10 -35.02
C MET C 73 -1.04 -17.31 -34.40
N PRO C 74 -2.12 -17.21 -35.18
CA PRO C 74 -3.44 -17.62 -34.75
C PRO C 74 -3.39 -19.00 -34.09
N ASN C 75 -4.14 -19.14 -33.01
CA ASN C 75 -4.21 -20.28 -32.11
C ASN C 75 -2.99 -20.44 -31.18
N GLN C 76 -1.84 -19.81 -31.46
CA GLN C 76 -0.64 -20.05 -30.68
C GLN C 76 -0.69 -19.44 -29.29
N SER C 77 0.02 -20.07 -28.35
CA SER C 77 0.07 -19.76 -26.94
C SER C 77 1.50 -19.88 -26.45
N ILE C 78 2.08 -18.78 -25.99
CA ILE C 78 3.47 -18.76 -25.53
C ILE C 78 3.58 -18.34 -24.07
N ASP C 79 4.57 -18.88 -23.37
CA ASP C 79 4.88 -18.52 -21.98
C ASP C 79 6.03 -17.51 -21.94
N VAL C 80 5.75 -16.35 -21.36
CA VAL C 80 6.67 -15.22 -21.30
C VAL C 80 7.02 -14.90 -19.86
N SER C 81 8.30 -14.94 -19.58
CA SER C 81 8.82 -14.49 -18.31
C SER C 81 9.31 -13.06 -18.57
N LEU C 82 8.60 -12.04 -18.08
CA LEU C 82 9.14 -10.70 -17.92
C LEU C 82 9.81 -10.32 -16.55
N PRO C 83 11.14 -10.13 -16.49
CA PRO C 83 11.85 -9.69 -15.30
C PRO C 83 11.44 -8.26 -14.96
N LEU C 84 11.23 -8.07 -13.67
CA LEU C 84 10.88 -6.79 -13.09
C LEU C 84 11.96 -6.35 -12.13
N ASN C 85 12.01 -5.06 -11.85
CA ASN C 85 12.67 -4.58 -10.63
C ASN C 85 11.87 -3.43 -10.01
N THR C 86 12.38 -2.90 -8.89
CA THR C 86 11.69 -1.89 -8.06
C THR C 86 12.38 -0.53 -8.10
N LEU C 87 13.08 -0.25 -9.20
CA LEU C 87 13.84 0.98 -9.39
C LEU C 87 13.06 2.10 -10.04
N GLY C 88 11.84 1.79 -10.44
CA GLY C 88 11.02 2.66 -11.22
C GLY C 88 10.32 3.70 -10.36
N PRO C 89 9.61 4.59 -11.05
CA PRO C 89 8.94 5.69 -10.42
C PRO C 89 7.86 5.25 -9.46
N VAL C 90 7.81 5.98 -8.38
CA VAL C 90 6.86 5.67 -7.32
C VAL C 90 5.70 6.62 -7.33
N MET C 91 4.52 6.06 -7.42
CA MET C 91 3.29 6.73 -7.04
C MET C 91 2.40 5.78 -6.28
N LYS C 92 1.91 6.28 -5.15
CA LYS C 92 1.12 5.47 -4.24
C LYS C 92 -0.24 5.20 -4.89
N MET C 93 -0.54 3.95 -5.16
CA MET C 93 -1.81 3.49 -5.74
C MET C 93 -2.79 3.09 -4.65
N GLU C 94 -4.07 2.98 -5.01
CA GLU C 94 -5.16 2.40 -4.22
C GLU C 94 -5.84 1.38 -5.15
N PRO C 95 -5.91 0.10 -4.75
CA PRO C 95 -5.18 -0.46 -3.61
C PRO C 95 -3.68 -0.33 -3.78
N LEU C 96 -2.99 -0.44 -2.64
CA LEU C 96 -1.57 -0.17 -2.56
C LEU C 96 -0.74 -1.06 -3.49
N ASN C 97 -1.17 -2.30 -3.71
CA ASN C 97 -0.50 -3.27 -4.56
C ASN C 97 -1.06 -3.38 -5.98
N ASN C 98 -1.93 -2.46 -6.41
CA ASN C 98 -2.46 -2.50 -7.76
C ASN C 98 -1.40 -2.09 -8.76
N LEU C 99 -1.39 -2.75 -9.92
CA LEU C 99 -0.49 -2.48 -11.02
C LEU C 99 -1.29 -2.35 -12.29
N GLN C 100 -1.23 -1.16 -12.88
CA GLN C 100 -1.79 -0.86 -14.16
C GLN C 100 -0.82 -1.20 -15.29
N VAL C 101 -1.31 -1.84 -16.35
CA VAL C 101 -0.47 -2.34 -17.44
C VAL C 101 -1.05 -1.91 -18.76
N ALA C 102 -0.17 -1.60 -19.68
CA ALA C 102 -0.50 -1.47 -21.08
C ALA C 102 0.33 -2.47 -21.84
N VAL C 103 -0.33 -3.23 -22.70
CA VAL C 103 0.30 -4.13 -23.62
C VAL C 103 -0.11 -3.77 -25.03
N LYS C 104 0.88 -3.63 -25.91
CA LYS C 104 0.73 -3.31 -27.32
C LYS C 104 1.10 -4.51 -28.14
N ASN C 105 0.47 -4.65 -29.29
CA ASN C 105 1.01 -5.40 -30.44
C ASN C 105 0.79 -4.59 -31.73
N ASN C 106 0.79 -5.25 -32.88
CA ASN C 106 0.61 -4.61 -34.17
C ASN C 106 -0.85 -4.24 -34.52
N ILE C 107 -1.81 -4.65 -33.70
CA ILE C 107 -3.23 -4.37 -33.94
C ILE C 107 -3.67 -3.20 -33.06
N ASP C 108 -3.32 -3.20 -31.76
CA ASP C 108 -3.69 -2.11 -30.86
C ASP C 108 -2.86 -2.10 -29.57
N VAL C 109 -3.19 -1.13 -28.72
CA VAL C 109 -2.80 -1.09 -27.31
C VAL C 109 -3.97 -1.49 -26.45
N PHE C 110 -3.71 -2.29 -25.43
CA PHE C 110 -4.69 -2.77 -24.49
C PHE C 110 -4.21 -2.53 -23.10
N TYR C 111 -5.19 -2.42 -22.22
CA TYR C 111 -4.89 -2.11 -20.85
C TYR C 111 -5.63 -3.02 -19.92
N PHE C 112 -5.00 -3.26 -18.81
CA PHE C 112 -5.55 -4.05 -17.73
C PHE C 112 -4.82 -3.69 -16.44
N SER C 113 -5.35 -4.13 -15.32
CA SER C 113 -4.70 -4.01 -14.03
C SER C 113 -4.56 -5.39 -13.41
N CYS C 114 -3.59 -5.53 -12.54
CA CYS C 114 -3.57 -6.67 -11.64
C CYS C 114 -2.97 -6.32 -10.29
N LEU C 115 -3.12 -7.23 -9.33
CA LEU C 115 -2.66 -7.01 -7.97
C LEU C 115 -1.36 -7.75 -7.71
N ILE C 116 -0.34 -7.03 -7.27
CA ILE C 116 0.96 -7.64 -6.95
C ILE C 116 0.91 -8.27 -5.55
N PRO C 117 1.14 -9.56 -5.41
CA PRO C 117 1.22 -10.17 -4.08
C PRO C 117 2.49 -9.72 -3.40
N LEU C 118 2.44 -9.18 -2.18
CA LEU C 118 3.62 -8.49 -1.67
C LEU C 118 4.79 -9.40 -1.31
N ASN C 119 4.59 -10.71 -1.21
CA ASN C 119 5.70 -11.60 -0.90
C ASN C 119 6.79 -11.61 -2.00
N VAL C 120 6.52 -11.22 -3.26
CA VAL C 120 7.60 -11.06 -4.25
C VAL C 120 8.45 -9.84 -4.00
N LEU C 121 7.99 -8.97 -3.11
CA LEU C 121 8.73 -7.82 -2.68
C LEU C 121 9.42 -8.07 -1.35
N PHE C 122 9.40 -9.29 -0.81
CA PHE C 122 10.10 -9.61 0.43
C PHE C 122 11.53 -10.00 0.13
N VAL C 123 12.46 -9.20 0.61
CA VAL C 123 13.86 -9.30 0.23
C VAL C 123 14.56 -10.36 1.05
N GLU C 124 15.67 -10.84 0.52
CA GLU C 124 16.45 -11.88 1.17
C GLU C 124 16.98 -11.41 2.53
N ASP C 125 17.47 -10.16 2.64
CA ASP C 125 18.04 -9.63 3.89
C ASP C 125 16.99 -8.95 4.77
N GLY C 126 16.07 -9.75 5.24
CA GLY C 126 14.92 -9.31 6.04
C GLY C 126 14.85 -9.95 7.42
N LYS C 127 15.94 -10.53 7.92
CA LYS C 127 16.04 -11.13 9.23
C LYS C 127 16.66 -10.08 10.10
N MET C 128 15.93 -9.66 11.13
CA MET C 128 16.39 -8.71 12.13
C MET C 128 17.13 -9.43 13.26
N GLU C 129 18.18 -8.80 13.81
CA GLU C 129 18.79 -9.27 15.05
C GLU C 129 17.81 -9.12 16.19
N ARG C 130 17.78 -10.07 17.13
CA ARG C 130 16.80 -10.11 18.23
C ARG C 130 16.74 -8.81 19.02
N GLN C 131 17.94 -8.30 19.28
CA GLN C 131 18.27 -7.06 19.92
C GLN C 131 17.55 -5.93 19.18
N VAL C 132 17.87 -5.76 17.90
CA VAL C 132 17.31 -4.76 17.00
C VAL C 132 15.80 -4.92 16.87
N PHE C 133 15.26 -6.14 16.80
CA PHE C 133 13.83 -6.41 16.73
C PHE C 133 13.08 -5.83 17.91
N LEU C 134 13.57 -6.10 19.13
CA LEU C 134 12.96 -5.58 20.34
C LEU C 134 13.00 -4.05 20.34
N ALA C 135 14.15 -3.47 20.00
CA ALA C 135 14.32 -2.03 20.00
C ALA C 135 13.41 -1.36 18.97
N THR C 136 13.28 -1.97 17.81
CA THR C 136 12.49 -1.42 16.72
C THR C 136 11.00 -1.59 16.97
N TRP C 137 10.54 -2.74 17.44
CA TRP C 137 9.15 -2.88 17.86
C TRP C 137 8.78 -1.83 18.91
N LYS C 138 9.69 -1.56 19.85
CA LYS C 138 9.50 -0.55 20.87
C LYS C 138 9.59 0.87 20.38
N ASP C 139 10.36 1.12 19.34
CA ASP C 139 10.44 2.44 18.74
C ASP C 139 9.21 2.79 17.89
N ILE C 140 8.61 1.79 17.24
CA ILE C 140 7.45 2.01 16.40
C ILE C 140 6.23 2.33 17.27
N PRO C 141 5.55 3.45 17.00
CA PRO C 141 4.37 3.86 17.75
C PRO C 141 3.40 2.70 17.91
N ASN C 142 2.96 2.47 19.14
CA ASN C 142 2.00 1.42 19.41
C ASN C 142 0.73 1.59 18.61
N GLU C 143 0.25 2.81 18.31
CA GLU C 143 -0.91 2.95 17.41
C GLU C 143 -0.73 2.32 16.02
N ASN C 144 0.50 2.06 15.59
CA ASN C 144 0.78 1.45 14.30
C ASN C 144 0.56 -0.05 14.32
N GLU C 145 0.55 -0.69 15.49
CA GLU C 145 0.27 -2.13 15.59
C GLU C 145 -1.09 -2.43 15.01
N LEU C 146 -1.20 -3.47 14.18
CA LEU C 146 -2.46 -3.92 13.64
C LEU C 146 -2.60 -5.42 13.78
N GLN C 147 -3.80 -5.84 14.18
CA GLN C 147 -4.11 -7.23 14.38
C GLN C 147 -4.97 -7.78 13.26
N PHE C 148 -4.66 -9.02 12.90
CA PHE C 148 -5.35 -9.78 11.87
C PHE C 148 -5.49 -11.21 12.34
N GLN C 149 -6.42 -11.92 11.73
CA GLN C 149 -6.74 -13.28 12.09
C GLN C 149 -6.47 -14.20 10.90
N ILE C 150 -5.52 -15.11 11.03
CA ILE C 150 -5.35 -16.19 10.05
C ILE C 150 -6.35 -17.28 10.43
N LYS C 151 -7.41 -17.39 9.65
CA LYS C 151 -8.56 -18.22 10.02
C LYS C 151 -8.32 -19.66 9.64
N GLU C 152 -8.69 -20.56 10.54
CA GLU C 152 -8.61 -22.00 10.28
C GLU C 152 -7.19 -22.43 9.86
N CYS C 153 -6.19 -22.18 10.72
CA CYS C 153 -4.86 -22.72 10.58
C CYS C 153 -4.60 -23.78 11.62
N HIS C 154 -3.90 -24.84 11.23
CA HIS C 154 -3.60 -25.99 12.09
C HIS C 154 -2.18 -26.47 11.90
N LEU C 155 -1.34 -25.63 11.28
CA LEU C 155 0.08 -25.84 11.18
C LEU C 155 0.74 -25.57 12.51
N ASN C 156 1.67 -26.43 12.87
CA ASN C 156 2.51 -26.23 14.02
C ASN C 156 3.44 -25.02 13.78
N ALA C 157 3.94 -24.43 14.87
CA ALA C 157 4.80 -23.27 14.80
C ALA C 157 6.04 -23.55 13.92
N ASP C 158 6.59 -24.75 14.02
CA ASP C 158 7.75 -25.17 13.21
C ASP C 158 7.47 -25.06 11.71
N THR C 159 6.30 -25.53 11.29
CA THR C 159 5.84 -25.58 9.90
C THR C 159 5.46 -24.18 9.42
N VAL C 160 4.86 -23.38 10.29
CA VAL C 160 4.60 -21.96 10.02
C VAL C 160 5.92 -21.28 9.75
N SER C 161 6.90 -21.50 10.62
CA SER C 161 8.21 -20.89 10.47
C SER C 161 8.93 -21.34 9.22
N SER C 162 8.84 -22.61 8.83
CA SER C 162 9.57 -23.06 7.64
C SER C 162 8.94 -22.53 6.35
N LYS C 163 7.61 -22.47 6.28
CA LYS C 163 6.89 -21.93 5.12
C LYS C 163 7.13 -20.44 4.94
N LEU C 164 7.07 -19.70 6.04
CA LEU C 164 7.36 -18.28 6.02
C LEU C 164 8.81 -18.02 5.69
N GLN C 165 9.71 -18.89 6.18
CA GLN C 165 11.12 -18.77 5.85
C GLN C 165 11.36 -18.82 4.34
N ASN C 166 10.64 -19.72 3.68
CA ASN C 166 10.73 -19.90 2.23
C ASN C 166 10.17 -18.72 1.43
N ASN C 167 9.51 -17.77 2.10
CA ASN C 167 9.02 -16.52 1.55
C ASN C 167 9.76 -15.31 2.13
N ASN C 168 10.95 -15.49 2.68
CA ASN C 168 11.75 -14.40 3.26
C ASN C 168 11.04 -13.65 4.43
N VAL C 169 10.14 -14.33 5.13
CA VAL C 169 9.63 -13.92 6.45
C VAL C 169 10.32 -14.74 7.53
N TYR C 170 11.22 -14.14 8.30
CA TYR C 170 12.12 -14.84 9.20
C TYR C 170 11.58 -14.87 10.61
N THR C 171 11.67 -16.03 11.25
CA THR C 171 11.42 -16.15 12.69
C THR C 171 12.69 -15.78 13.46
N ILE C 172 12.57 -14.78 14.33
CA ILE C 172 13.63 -14.20 15.16
C ILE C 172 13.72 -14.89 16.51
N ALA C 173 12.55 -15.18 17.07
CA ALA C 173 12.44 -15.86 18.33
C ALA C 173 11.07 -16.51 18.42
N LYS C 174 11.00 -17.52 19.27
CA LYS C 174 9.79 -18.21 19.66
C LYS C 174 9.72 -18.28 21.19
N ARG C 175 8.53 -18.12 21.72
CA ARG C 175 8.24 -18.05 23.15
C ARG C 175 7.11 -19.02 23.34
N ASN C 176 7.39 -19.98 24.18
CA ASN C 176 6.32 -20.80 24.71
C ASN C 176 5.87 -20.10 25.98
N VAL C 177 4.59 -19.78 25.99
CA VAL C 177 3.93 -19.17 27.11
C VAL C 177 2.76 -20.07 27.35
N GLU C 178 2.78 -20.87 28.41
CA GLU C 178 1.63 -21.67 28.84
C GLU C 178 0.93 -22.50 27.76
N GLY C 179 1.73 -23.15 26.90
CA GLY C 179 1.16 -23.89 25.78
C GLY C 179 1.01 -23.06 24.51
N GLN C 180 0.85 -21.73 24.60
CA GLN C 180 0.86 -20.83 23.45
C GLN C 180 2.25 -20.75 22.87
N ASP C 181 2.31 -20.79 21.54
CA ASP C 181 3.48 -20.38 20.81
C ASP C 181 3.28 -18.96 20.32
N MET C 182 4.30 -18.16 20.58
CA MET C 182 4.41 -16.83 20.06
C MET C 182 5.55 -16.92 19.07
N LEU C 183 5.38 -16.42 17.86
CA LEU C 183 6.46 -16.32 16.89
C LEU C 183 6.72 -14.86 16.61
N TYR C 184 7.97 -14.45 16.74
CA TYR C 184 8.36 -13.09 16.42
C TYR C 184 9.15 -13.11 15.15
N GLN C 185 8.71 -12.29 14.20
CA GLN C 185 9.13 -12.44 12.84
C GLN C 185 9.39 -11.11 12.20
N SER C 186 10.36 -11.08 11.31
CA SER C 186 10.67 -9.91 10.53
C SER C 186 10.67 -10.23 9.04
N LEU C 187 10.31 -9.23 8.26
CA LEU C 187 10.47 -9.21 6.83
C LEU C 187 10.79 -7.78 6.39
N LYS C 188 11.41 -7.63 5.22
CA LYS C 188 11.86 -6.35 4.67
C LYS C 188 11.40 -6.24 3.21
N LEU C 189 10.78 -5.11 2.84
CA LEU C 189 10.30 -4.88 1.49
C LEU C 189 11.44 -4.38 0.64
N THR C 190 11.22 -4.47 -0.67
CA THR C 190 12.13 -3.93 -1.68
C THR C 190 12.39 -2.43 -1.52
N ASN C 191 11.46 -1.68 -0.93
CA ASN C 191 11.66 -0.26 -0.60
C ASN C 191 12.32 0.00 0.76
N GLY C 192 12.75 -1.05 1.45
CA GLY C 192 13.46 -0.97 2.71
C GLY C 192 12.55 -0.94 3.93
N ILE C 193 11.23 -0.82 3.73
CA ILE C 193 10.28 -0.85 4.83
C ILE C 193 10.39 -2.21 5.51
N TRP C 194 10.58 -2.20 6.83
CA TRP C 194 10.50 -3.40 7.66
C TRP C 194 9.10 -3.61 8.17
N ILE C 195 8.70 -4.88 8.27
CA ILE C 195 7.50 -5.26 9.00
C ILE C 195 7.92 -6.24 10.08
N LEU C 196 7.47 -5.98 11.31
CA LEU C 196 7.61 -6.93 12.40
C LEU C 196 6.27 -7.57 12.67
N ALA C 197 6.34 -8.81 13.11
CA ALA C 197 5.16 -9.59 13.39
C ALA C 197 5.31 -10.36 14.67
N GLU C 198 4.19 -10.49 15.36
CA GLU C 198 3.94 -11.47 16.38
C GLU C 198 2.81 -12.34 15.87
N LEU C 199 3.07 -13.61 15.61
CA LEU C 199 2.01 -14.58 15.48
C LEU C 199 1.76 -15.14 16.88
N ARG C 200 0.49 -15.37 17.27
CA ARG C 200 0.06 -16.10 18.46
C ARG C 200 -0.75 -17.32 18.06
N ILE C 201 -0.26 -18.48 18.44
CA ILE C 201 -0.89 -19.78 18.20
C ILE C 201 -1.35 -20.24 19.58
N GLN C 202 -2.64 -20.49 19.72
CA GLN C 202 -3.25 -20.94 20.99
C GLN C 202 -3.84 -22.34 20.85
N PRO C 203 -3.70 -23.17 21.90
CA PRO C 203 -4.32 -24.48 21.94
C PRO C 203 -5.81 -24.24 21.82
N GLY C 204 -6.44 -25.04 20.98
CA GLY C 204 -7.88 -24.99 20.85
C GLY C 204 -8.44 -23.99 19.90
N ASN C 205 -7.63 -23.00 19.59
CA ASN C 205 -8.04 -21.92 18.75
C ASN C 205 -7.61 -22.23 17.33
N PRO C 206 -8.55 -22.37 16.38
CA PRO C 206 -8.21 -22.65 14.98
C PRO C 206 -7.72 -21.42 14.27
N ASN C 207 -7.71 -20.29 14.95
CA ASN C 207 -7.35 -19.03 14.37
C ASN C 207 -6.10 -18.55 15.08
N TYR C 208 -5.14 -18.10 14.29
CA TYR C 208 -3.95 -17.47 14.83
C TYR C 208 -4.13 -15.96 14.77
N THR C 209 -3.65 -15.30 15.81
CA THR C 209 -3.62 -13.82 15.79
C THR C 209 -2.27 -13.42 15.24
N LEU C 210 -2.29 -12.68 14.13
CA LEU C 210 -1.12 -12.03 13.56
C LEU C 210 -1.18 -10.55 13.93
N SER C 211 -0.21 -10.08 14.70
CA SER C 211 -0.03 -8.68 15.05
C SER C 211 1.16 -8.14 14.28
N LEU C 212 0.95 -7.06 13.53
CA LEU C 212 1.97 -6.47 12.65
C LEU C 212 2.27 -5.05 13.09
N LYS C 213 3.54 -4.73 13.25
CA LYS C 213 4.02 -3.36 13.45
C LYS C 213 4.89 -2.96 12.29
N CYS C 214 4.58 -1.77 11.78
CA CYS C 214 5.27 -1.18 10.66
C CYS C 214 5.26 0.33 10.82
N ARG C 215 6.29 1.03 10.35
CA ARG C 215 6.27 2.50 10.34
C ARG C 215 5.21 3.05 9.36
N ALA C 216 4.90 2.28 8.30
CA ALA C 216 3.92 2.59 7.26
C ALA C 216 2.74 1.60 7.35
N PRO C 217 1.90 1.71 8.40
CA PRO C 217 0.88 0.73 8.75
C PRO C 217 -0.11 0.42 7.62
N GLU C 218 -0.28 1.31 6.64
CA GLU C 218 -1.11 1.08 5.46
C GLU C 218 -0.77 -0.22 4.70
N VAL C 219 0.50 -0.62 4.75
CA VAL C 219 0.99 -1.83 4.09
C VAL C 219 0.52 -3.11 4.80
N SER C 220 0.24 -3.05 6.13
CA SER C 220 0.09 -4.23 6.98
C SER C 220 -1.01 -5.15 6.47
N GLN C 221 -2.16 -4.59 6.09
CA GLN C 221 -3.27 -5.32 5.49
C GLN C 221 -2.81 -6.25 4.36
N TYR C 222 -1.89 -5.80 3.50
CA TYR C 222 -1.38 -6.55 2.35
C TYR C 222 -0.35 -7.62 2.74
N ILE C 223 0.40 -7.41 3.82
CA ILE C 223 1.28 -8.46 4.37
C ILE C 223 0.44 -9.60 4.90
N TYR C 224 -0.57 -9.27 5.68
CA TYR C 224 -1.51 -10.25 6.21
C TYR C 224 -2.12 -11.11 5.10
N GLN C 225 -2.55 -10.50 4.00
CA GLN C 225 -3.19 -11.24 2.93
C GLN C 225 -2.27 -12.29 2.32
N VAL C 226 -1.01 -11.93 2.04
CA VAL C 226 -0.08 -12.91 1.50
C VAL C 226 0.42 -13.87 2.57
N TYR C 227 0.51 -13.44 3.83
CA TYR C 227 0.87 -14.29 4.98
C TYR C 227 -0.16 -15.42 5.09
N ASP C 228 -1.44 -15.05 5.03
CA ASP C 228 -2.59 -15.94 4.97
C ASP C 228 -2.51 -16.91 3.77
N SER C 229 -2.24 -16.38 2.57
CA SER C 229 -2.08 -17.20 1.36
C SER C 229 -0.91 -18.18 1.49
N ILE C 230 0.22 -17.80 2.06
CA ILE C 230 1.37 -18.71 2.22
C ILE C 230 1.03 -19.86 3.16
N LEU C 231 0.31 -19.58 4.24
CA LEU C 231 -0.04 -20.60 5.20
C LEU C 231 -1.04 -21.59 4.60
N LYS C 232 -2.01 -21.06 3.84
CA LYS C 232 -3.10 -21.84 3.25
C LYS C 232 -2.75 -22.59 1.96
N ASN C 233 -1.53 -22.46 1.46
CA ASN C 233 -1.08 -23.08 0.20
C ASN C 233 0.19 -23.91 0.43
#